data_4X1H
#
_entry.id   4X1H
#
_cell.length_a   242.136
_cell.length_b   242.136
_cell.length_c   109.721
_cell.angle_alpha   90.00
_cell.angle_beta   90.00
_cell.angle_gamma   120.00
#
_symmetry.space_group_name_H-M   'H 3 2'
#
loop_
_entity.id
_entity.type
_entity.pdbx_description
1 polymer Rhodopsin
2 polymer 'C-terminal derived peptide of guanine nucleotide-binding protein G(t) subunit alpha-1'
3 branched beta-D-mannopyranose-(1-2)-beta-D-mannopyranose-(1-4)-2-acetamido-2-deoxy-beta-D-glucopyranose-(1-4)-2-acetamido-2-deoxy-beta-D-glucopyranose
4 branched 2-acetamido-2-deoxy-beta-D-glucopyranose-(1-3)-2-acetamido-2-deoxy-beta-D-glucopyranose
5 non-polymer 'nonyl beta-D-glucopyranoside'
6 non-polymer 'PALMITIC ACID'
7 water water
#
loop_
_entity_poly.entity_id
_entity_poly.type
_entity_poly.pdbx_seq_one_letter_code
_entity_poly.pdbx_strand_id
1 'polypeptide(L)'
;MNGTEGPNFYVPFSNKTGVVRSPFEAPQYYLAEPWQFSMLAAYMFLLIMLGFPINFLTLYVTVQHKKLRTPLNYILLNLA
VADLFMVFGGFTTTLYTSLHGYFVFGPTGCNLEGFFATLGGEIALWSLVVLAIERYVVVCKPMSNFRFGENHAIMGVAFT
WVMALACAAPPLVGWSRYIPEGMQCSCGIDYYTPHEETNNESFVIYMFVVHFIIPLIVIFFCYGQLVFTVKEAAAQQQES
ATTQKAEKEVTRMVIIMVIAFLICWLPYAGVAFYIFTHQGSDFGPIFMTIPAFFAKTSAVYNPVIYIMMNKQFRNCMVTT
LCCGKNPLGDDEASTTVSKTETSQVAPA
;
A
2 'polypeptide(L)' VLEDLKSCGLF C
#
loop_
_chem_comp.id
_chem_comp.type
_chem_comp.name
_chem_comp.formula
BMA D-saccharide, beta linking beta-D-mannopyranose 'C6 H12 O6'
BNG D-saccharide 'nonyl beta-D-glucopyranoside' 'C15 H30 O6'
NAG D-saccharide, beta linking 2-acetamido-2-deoxy-beta-D-glucopyranose 'C8 H15 N O6'
PLM non-polymer 'PALMITIC ACID' 'C16 H32 O2'
#
# COMPACT_ATOMS: atom_id res chain seq x y z
N MET A 1 0.34 -4.00 -33.81
CA MET A 1 -0.53 -4.49 -32.74
C MET A 1 -0.03 -4.05 -31.37
N ASN A 2 1.00 -3.20 -31.38
CA ASN A 2 1.43 -2.45 -30.20
C ASN A 2 2.16 -3.26 -29.12
N GLY A 3 2.13 -4.58 -29.21
CA GLY A 3 2.79 -5.40 -28.21
C GLY A 3 3.53 -6.57 -28.81
N THR A 4 4.42 -7.16 -28.01
CA THR A 4 5.13 -8.36 -28.40
C THR A 4 4.97 -9.43 -27.33
N GLU A 5 4.30 -10.52 -27.68
CA GLU A 5 4.02 -11.59 -26.71
C GLU A 5 5.16 -12.60 -26.59
N GLY A 6 5.22 -13.23 -25.42
CA GLY A 6 6.17 -14.29 -25.15
C GLY A 6 5.63 -15.15 -24.03
N PRO A 7 6.22 -16.35 -23.84
CA PRO A 7 5.77 -17.34 -22.86
C PRO A 7 5.44 -16.78 -21.46
N ASN A 8 6.30 -15.94 -20.89
CA ASN A 8 5.98 -15.35 -19.58
C ASN A 8 6.11 -13.84 -19.57
N PHE A 9 5.78 -13.17 -20.66
CA PHE A 9 5.88 -11.72 -20.70
C PHE A 9 5.04 -11.07 -21.78
N TYR A 10 4.93 -9.75 -21.68
CA TYR A 10 4.30 -8.93 -22.70
C TYR A 10 5.03 -7.60 -22.77
N VAL A 11 5.80 -7.41 -23.83
CA VAL A 11 6.49 -6.13 -23.99
C VAL A 11 5.57 -5.15 -24.71
N PRO A 12 5.31 -3.99 -24.10
CA PRO A 12 4.43 -2.99 -24.70
C PRO A 12 5.10 -2.24 -25.86
N PHE A 13 5.68 -2.99 -26.79
CA PHE A 13 6.35 -2.41 -27.94
C PHE A 13 6.22 -3.35 -29.14
N SER A 14 5.88 -2.80 -30.30
CA SER A 14 5.72 -3.60 -31.51
C SER A 14 7.04 -4.16 -32.02
N ASN A 15 7.03 -5.41 -32.45
CA ASN A 15 8.23 -6.04 -32.98
C ASN A 15 8.25 -6.08 -34.50
N LYS A 16 7.64 -5.08 -35.14
CA LYS A 16 7.63 -5.03 -36.60
C LYS A 16 9.00 -4.62 -37.14
N THR A 17 9.88 -4.12 -36.27
CA THR A 17 11.24 -3.78 -36.68
C THR A 17 12.24 -4.83 -36.23
N GLY A 18 11.76 -5.84 -35.52
CA GLY A 18 12.60 -6.93 -35.07
C GLY A 18 13.56 -6.61 -33.93
N VAL A 19 13.35 -5.48 -33.25
CA VAL A 19 14.28 -5.05 -32.19
C VAL A 19 13.87 -5.48 -30.78
N VAL A 20 12.64 -5.96 -30.62
CA VAL A 20 12.14 -6.32 -29.30
C VAL A 20 12.85 -7.57 -28.77
N ARG A 21 13.23 -7.53 -27.50
CA ARG A 21 13.87 -8.67 -26.85
C ARG A 21 13.09 -9.09 -25.60
N SER A 22 13.24 -10.35 -25.22
CA SER A 22 12.70 -10.83 -23.94
C SER A 22 13.21 -9.97 -22.78
N PRO A 23 12.30 -9.51 -21.90
CA PRO A 23 12.68 -8.68 -20.76
C PRO A 23 13.49 -9.43 -19.71
N PHE A 24 13.65 -10.74 -19.89
CA PHE A 24 14.47 -11.56 -19.00
C PHE A 24 15.87 -11.77 -19.58
N GLU A 25 16.13 -11.25 -20.78
CA GLU A 25 17.37 -11.59 -21.48
C GLU A 25 18.20 -10.39 -21.93
N ALA A 26 17.56 -9.26 -22.21
CA ALA A 26 18.28 -8.15 -22.84
C ALA A 26 17.64 -6.81 -22.50
N PRO A 27 18.45 -5.74 -22.49
CA PRO A 27 17.97 -4.40 -22.12
C PRO A 27 16.81 -3.93 -22.99
N GLN A 28 15.88 -3.19 -22.40
CA GLN A 28 14.69 -2.75 -23.10
C GLN A 28 14.82 -1.29 -23.52
N TYR A 29 15.98 -0.93 -24.05
CA TYR A 29 16.28 0.46 -24.38
C TYR A 29 15.58 0.95 -25.65
N TYR A 30 14.67 0.14 -26.19
CA TYR A 30 13.89 0.53 -27.37
C TYR A 30 12.51 1.03 -26.96
N LEU A 31 12.06 0.70 -25.75
CA LEU A 31 10.79 1.20 -25.26
C LEU A 31 10.97 2.39 -24.34
N ALA A 32 12.22 2.65 -23.96
CA ALA A 32 12.55 3.83 -23.16
C ALA A 32 14.04 4.15 -23.26
N GLU A 33 14.38 5.43 -23.31
CA GLU A 33 15.77 5.86 -23.34
C GLU A 33 16.51 5.43 -22.06
N PRO A 34 17.83 5.17 -22.19
CA PRO A 34 18.64 4.79 -21.03
C PRO A 34 18.49 5.73 -19.83
N TRP A 35 18.48 7.04 -20.08
CA TRP A 35 18.36 8.02 -19.01
C TRP A 35 17.03 7.88 -18.26
N GLN A 36 16.02 7.35 -18.94
CA GLN A 36 14.72 7.15 -18.29
C GLN A 36 14.76 5.98 -17.32
N PHE A 37 15.57 4.97 -17.64
CA PHE A 37 15.82 3.85 -16.73
C PHE A 37 16.62 4.31 -15.52
N SER A 38 17.54 5.24 -15.77
CA SER A 38 18.31 5.86 -14.70
C SER A 38 17.39 6.63 -13.74
N MET A 39 16.37 7.30 -14.28
CA MET A 39 15.43 8.06 -13.46
C MET A 39 14.50 7.12 -12.69
N LEU A 40 14.22 5.97 -13.28
CA LEU A 40 13.52 4.92 -12.56
C LEU A 40 14.36 4.47 -11.36
N ALA A 41 15.64 4.27 -11.57
CA ALA A 41 16.55 3.88 -10.51
C ALA A 41 16.64 4.97 -9.45
N ALA A 42 16.69 6.21 -9.89
CA ALA A 42 16.76 7.36 -8.99
C ALA A 42 15.55 7.42 -8.08
N TYR A 43 14.36 7.16 -8.65
CA TYR A 43 13.16 7.22 -7.85
C TYR A 43 13.09 6.06 -6.85
N MET A 44 13.50 4.87 -7.29
CA MET A 44 13.59 3.72 -6.39
C MET A 44 14.56 4.01 -5.25
N PHE A 45 15.66 4.69 -5.58
CA PHE A 45 16.64 5.09 -4.59
C PHE A 45 16.01 6.07 -3.58
N LEU A 46 15.24 7.01 -4.08
CA LEU A 46 14.53 7.96 -3.22
C LEU A 46 13.59 7.23 -2.27
N LEU A 47 12.82 6.29 -2.81
CA LEU A 47 11.88 5.51 -2.01
C LEU A 47 12.56 4.65 -0.95
N ILE A 48 13.76 4.15 -1.27
CA ILE A 48 14.53 3.36 -0.30
C ILE A 48 15.09 4.25 0.80
N MET A 49 15.66 5.39 0.42
CA MET A 49 16.33 6.29 1.36
C MET A 49 15.35 6.97 2.31
N LEU A 50 14.08 7.08 1.89
CA LEU A 50 13.05 7.62 2.77
C LEU A 50 12.26 6.51 3.43
N GLY A 51 11.85 5.53 2.63
CA GLY A 51 11.00 4.45 3.07
C GLY A 51 11.60 3.53 4.12
N PHE A 52 12.87 3.14 3.95
CA PHE A 52 13.48 2.25 4.92
C PHE A 52 13.68 2.92 6.28
N PRO A 53 14.29 4.13 6.32
CA PRO A 53 14.50 4.72 7.65
C PRO A 53 13.19 4.98 8.42
N ILE A 54 12.18 5.52 7.76
CA ILE A 54 10.95 5.87 8.45
C ILE A 54 10.21 4.62 8.94
N ASN A 55 10.24 3.55 8.15
CA ASN A 55 9.53 2.34 8.55
C ASN A 55 10.31 1.50 9.55
N PHE A 56 11.64 1.50 9.42
CA PHE A 56 12.47 0.78 10.36
C PHE A 56 12.47 1.49 11.71
N LEU A 57 12.45 2.82 11.67
CA LEU A 57 12.41 3.62 12.90
C LEU A 57 11.12 3.39 13.68
N THR A 58 10.02 3.15 12.96
CA THR A 58 8.75 2.85 13.59
C THR A 58 8.87 1.58 14.45
N LEU A 59 9.53 0.57 13.90
CA LEU A 59 9.75 -0.68 14.63
C LEU A 59 10.74 -0.46 15.77
N TYR A 60 11.72 0.39 15.52
CA TYR A 60 12.80 0.57 16.48
C TYR A 60 12.35 1.31 17.74
N VAL A 61 11.57 2.36 17.58
CA VAL A 61 11.11 3.12 18.75
C VAL A 61 10.11 2.30 19.56
N THR A 62 9.44 1.36 18.90
CA THR A 62 8.47 0.51 19.58
C THR A 62 9.20 -0.44 20.52
N VAL A 63 10.42 -0.81 20.14
CA VAL A 63 11.27 -1.64 20.99
C VAL A 63 11.80 -0.86 22.21
N GLN A 64 12.02 0.44 22.03
N GLN A 64 12.06 0.43 22.01
CA GLN A 64 12.61 1.27 23.08
CA GLN A 64 12.60 1.26 23.09
C GLN A 64 11.58 1.97 23.98
C GLN A 64 11.52 1.81 24.03
N HIS A 65 10.37 2.18 23.46
CA HIS A 65 9.32 2.85 24.24
C HIS A 65 8.14 1.92 24.53
N LYS A 66 8.01 1.51 25.79
CA LYS A 66 7.04 0.47 26.14
C LYS A 66 5.59 0.94 26.05
N LYS A 67 5.38 2.25 26.12
CA LYS A 67 4.03 2.80 25.98
C LYS A 67 3.49 2.64 24.56
N LEU A 68 4.36 2.35 23.61
CA LEU A 68 3.93 2.15 22.21
C LEU A 68 3.38 0.75 22.01
N ARG A 69 3.75 -0.17 22.89
CA ARG A 69 3.34 -1.57 22.75
C ARG A 69 1.94 -1.83 23.28
N THR A 70 0.96 -1.18 22.67
CA THR A 70 -0.43 -1.36 23.04
C THR A 70 -1.15 -2.07 21.89
N PRO A 71 -2.19 -2.87 22.22
CA PRO A 71 -2.93 -3.64 21.21
C PRO A 71 -3.40 -2.81 20.01
N LEU A 72 -3.83 -1.58 20.27
CA LEU A 72 -4.30 -0.70 19.19
C LEU A 72 -3.17 -0.25 18.25
N ASN A 73 -1.93 -0.42 18.69
CA ASN A 73 -0.79 -0.05 17.87
C ASN A 73 -0.23 -1.19 17.04
N TYR A 74 -0.69 -2.41 17.32
CA TYR A 74 -0.21 -3.60 16.62
C TYR A 74 -0.36 -3.46 15.11
N ILE A 75 -1.51 -2.95 14.66
CA ILE A 75 -1.81 -2.86 13.24
C ILE A 75 -0.93 -1.80 12.57
N LEU A 76 -0.47 -0.83 13.34
CA LEU A 76 0.45 0.20 12.84
C LEU A 76 1.84 -0.40 12.63
N LEU A 77 2.20 -1.35 13.48
CA LEU A 77 3.47 -2.05 13.33
C LEU A 77 3.38 -2.95 12.11
N ASN A 78 2.21 -3.56 11.95
CA ASN A 78 1.94 -4.39 10.79
C ASN A 78 2.12 -3.61 9.50
N LEU A 79 1.66 -2.36 9.52
CA LEU A 79 1.83 -1.45 8.40
C LEU A 79 3.31 -1.23 8.08
N ALA A 80 4.10 -1.03 9.14
CA ALA A 80 5.51 -0.70 9.00
C ALA A 80 6.27 -1.87 8.39
N VAL A 81 5.94 -3.07 8.84
CA VAL A 81 6.53 -4.29 8.30
C VAL A 81 6.14 -4.47 6.83
N ALA A 82 4.88 -4.21 6.52
CA ALA A 82 4.38 -4.33 5.15
C ALA A 82 5.13 -3.42 4.19
N ASP A 83 5.33 -2.17 4.61
CA ASP A 83 6.10 -1.21 3.81
C ASP A 83 7.54 -1.68 3.58
N LEU A 84 8.11 -2.38 4.57
CA LEU A 84 9.46 -2.89 4.44
C LEU A 84 9.52 -4.05 3.44
N PHE A 85 8.42 -4.81 3.34
CA PHE A 85 8.29 -5.80 2.28
C PHE A 85 8.29 -5.15 0.90
N MET A 86 7.69 -3.96 0.80
CA MET A 86 7.70 -3.22 -0.45
C MET A 86 9.10 -2.69 -0.74
N VAL A 87 9.81 -2.28 0.31
CA VAL A 87 11.12 -1.68 0.17
C VAL A 87 12.16 -2.68 -0.34
N PHE A 88 12.17 -3.88 0.23
CA PHE A 88 13.21 -4.86 -0.10
C PHE A 88 12.74 -5.88 -1.12
N GLY A 89 11.45 -6.18 -1.10
CA GLY A 89 10.88 -7.09 -2.07
C GLY A 89 10.82 -6.45 -3.44
N GLY A 90 10.43 -5.18 -3.47
CA GLY A 90 10.24 -4.46 -4.72
C GLY A 90 11.27 -3.41 -5.04
N PHE A 91 11.42 -2.43 -4.17
CA PHE A 91 12.19 -1.23 -4.52
C PHE A 91 13.66 -1.52 -4.80
N THR A 92 14.29 -2.32 -3.93
CA THR A 92 15.71 -2.63 -4.08
C THR A 92 15.97 -3.48 -5.31
N THR A 93 15.09 -4.45 -5.55
CA THR A 93 15.17 -5.30 -6.74
C THR A 93 15.01 -4.49 -8.02
N THR A 94 14.09 -3.52 -8.01
CA THR A 94 13.82 -2.69 -9.18
C THR A 94 14.97 -1.71 -9.41
N LEU A 95 15.58 -1.24 -8.33
CA LEU A 95 16.80 -0.44 -8.41
C LEU A 95 17.86 -1.21 -9.20
N TYR A 96 17.99 -2.48 -8.87
CA TYR A 96 19.04 -3.31 -9.45
C TYR A 96 18.73 -3.63 -10.91
N THR A 97 17.49 -4.02 -11.18
CA THR A 97 17.11 -4.42 -12.54
C THR A 97 17.07 -3.22 -13.49
N SER A 98 16.57 -2.08 -13.01
CA SER A 98 16.53 -0.87 -13.83
C SER A 98 17.92 -0.44 -14.29
N LEU A 99 18.92 -0.65 -13.45
CA LEU A 99 20.30 -0.32 -13.81
C LEU A 99 20.85 -1.28 -14.86
N HIS A 100 20.16 -2.39 -15.08
CA HIS A 100 20.50 -3.32 -16.15
C HIS A 100 19.67 -3.04 -17.40
N GLY A 101 18.51 -2.44 -17.22
CA GLY A 101 17.62 -2.15 -18.33
C GLY A 101 16.64 -3.26 -18.61
N TYR A 102 16.61 -4.27 -17.74
CA TYR A 102 15.65 -5.37 -17.87
C TYR A 102 15.65 -6.23 -16.62
N PHE A 103 14.70 -7.16 -16.54
CA PHE A 103 14.56 -7.98 -15.34
C PHE A 103 15.53 -9.16 -15.37
N VAL A 104 16.71 -8.93 -14.82
CA VAL A 104 17.81 -9.89 -14.90
C VAL A 104 17.60 -11.17 -14.09
N PHE A 105 16.61 -11.19 -13.22
CA PHE A 105 16.42 -12.32 -12.32
C PHE A 105 15.59 -13.43 -12.95
N GLY A 106 15.13 -13.21 -14.18
CA GLY A 106 14.39 -14.21 -14.89
C GLY A 106 12.98 -14.42 -14.35
N PRO A 107 12.23 -15.36 -14.95
CA PRO A 107 10.84 -15.68 -14.58
C PRO A 107 10.67 -16.10 -13.13
N THR A 108 11.61 -16.86 -12.58
CA THR A 108 11.53 -17.27 -11.18
C THR A 108 11.60 -16.08 -10.25
N GLY A 109 12.56 -15.20 -10.49
CA GLY A 109 12.68 -13.96 -9.73
C GLY A 109 11.47 -13.08 -9.91
N CYS A 110 10.85 -13.16 -11.09
CA CYS A 110 9.66 -12.37 -11.39
C CYS A 110 8.51 -12.75 -10.48
N ASN A 111 8.35 -14.06 -10.26
CA ASN A 111 7.33 -14.54 -9.33
C ASN A 111 7.67 -14.17 -7.88
N LEU A 112 8.94 -14.32 -7.52
CA LEU A 112 9.41 -13.94 -6.19
C LEU A 112 9.19 -12.46 -5.90
N GLU A 113 9.72 -11.62 -6.79
CA GLU A 113 9.61 -10.18 -6.63
C GLU A 113 8.14 -9.76 -6.69
N GLY A 114 7.39 -10.38 -7.60
CA GLY A 114 5.98 -10.07 -7.74
C GLY A 114 5.17 -10.45 -6.51
N PHE A 115 5.46 -11.62 -5.95
CA PHE A 115 4.73 -12.09 -4.78
C PHE A 115 4.95 -11.19 -3.56
N PHE A 116 6.21 -10.89 -3.25
CA PHE A 116 6.51 -10.14 -2.02
C PHE A 116 6.15 -8.66 -2.11
N ALA A 117 6.27 -8.09 -3.30
CA ALA A 117 5.88 -6.70 -3.51
C ALA A 117 4.36 -6.53 -3.43
N THR A 118 3.65 -7.50 -3.98
CA THR A 118 2.20 -7.51 -3.93
C THR A 118 1.72 -7.81 -2.52
N LEU A 119 2.38 -8.78 -1.89
CA LEU A 119 2.08 -9.13 -0.51
C LEU A 119 2.19 -7.92 0.40
N GLY A 120 3.31 -7.20 0.28
CA GLY A 120 3.55 -6.01 1.07
C GLY A 120 2.50 -4.94 0.89
N GLY A 121 2.12 -4.70 -0.37
CA GLY A 121 1.14 -3.68 -0.69
C GLY A 121 -0.25 -4.03 -0.18
N GLU A 122 -0.56 -5.32 -0.16
CA GLU A 122 -1.89 -5.78 0.25
C GLU A 122 -2.02 -5.84 1.77
N ILE A 123 -0.95 -6.18 2.47
CA ILE A 123 -0.94 -6.17 3.93
C ILE A 123 -1.13 -4.74 4.42
N ALA A 124 -0.44 -3.80 3.78
CA ALA A 124 -0.57 -2.39 4.11
C ALA A 124 -2.00 -1.93 3.90
N LEU A 125 -2.56 -2.27 2.75
CA LEU A 125 -3.93 -1.91 2.39
C LEU A 125 -4.94 -2.43 3.41
N TRP A 126 -4.85 -3.70 3.73
CA TRP A 126 -5.81 -4.30 4.66
C TRP A 126 -5.53 -3.87 6.10
N SER A 127 -4.31 -3.39 6.36
CA SER A 127 -4.00 -2.81 7.67
C SER A 127 -4.76 -1.51 7.84
N LEU A 128 -4.88 -0.75 6.75
CA LEU A 128 -5.59 0.53 6.80
C LEU A 128 -7.08 0.29 7.01
N VAL A 129 -7.56 -0.82 6.47
CA VAL A 129 -8.95 -1.20 6.65
C VAL A 129 -9.20 -1.63 8.10
N VAL A 130 -8.34 -2.51 8.61
CA VAL A 130 -8.47 -3.03 9.96
C VAL A 130 -8.38 -1.90 10.99
N LEU A 131 -7.47 -0.97 10.74
CA LEU A 131 -7.30 0.19 11.57
C LEU A 131 -8.59 1.01 11.66
N ALA A 132 -9.24 1.21 10.51
CA ALA A 132 -10.51 1.92 10.47
C ALA A 132 -11.57 1.17 11.26
N ILE A 133 -11.62 -0.14 11.09
CA ILE A 133 -12.60 -0.96 11.80
C ILE A 133 -12.40 -0.90 13.31
N GLU A 134 -11.14 -1.04 13.75
CA GLU A 134 -10.81 -0.99 15.17
C GLU A 134 -11.16 0.36 15.78
N ARG A 135 -10.83 1.42 15.07
CA ARG A 135 -11.11 2.78 15.53
C ARG A 135 -12.61 3.02 15.60
N TYR A 136 -13.33 2.48 14.63
CA TYR A 136 -14.79 2.56 14.61
C TYR A 136 -15.38 1.85 15.82
N VAL A 137 -14.92 0.63 16.06
CA VAL A 137 -15.40 -0.18 17.19
C VAL A 137 -15.12 0.51 18.54
N VAL A 138 -13.90 1.02 18.70
CA VAL A 138 -13.49 1.63 19.96
C VAL A 138 -14.20 2.95 20.25
N VAL A 139 -14.27 3.83 19.26
CA VAL A 139 -14.83 5.17 19.47
C VAL A 139 -16.37 5.20 19.37
N CYS A 140 -16.92 4.55 18.35
CA CYS A 140 -18.36 4.59 18.12
C CYS A 140 -19.10 3.59 19.00
N LYS A 141 -18.37 2.57 19.46
CA LYS A 141 -18.92 1.55 20.36
C LYS A 141 -20.21 0.93 19.84
N PRO A 142 -20.13 0.20 18.71
CA PRO A 142 -21.34 -0.42 18.17
C PRO A 142 -21.78 -1.63 18.97
N MET A 143 -20.88 -2.16 19.79
CA MET A 143 -21.18 -3.30 20.64
C MET A 143 -21.14 -2.93 22.12
N SER A 144 -22.18 -3.30 22.86
CA SER A 144 -22.24 -3.00 24.28
C SER A 144 -21.32 -3.93 25.08
N ASN A 145 -20.73 -3.38 26.14
CA ASN A 145 -19.86 -4.13 27.04
C ASN A 145 -18.66 -4.79 26.36
N PHE A 146 -18.19 -4.16 25.28
CA PHE A 146 -17.04 -4.69 24.54
C PHE A 146 -15.78 -3.89 24.85
N ARG A 147 -14.68 -4.60 25.10
CA ARG A 147 -13.38 -3.97 25.31
C ARG A 147 -12.34 -4.56 24.38
N PHE A 148 -11.75 -3.70 23.55
CA PHE A 148 -10.73 -4.13 22.60
C PHE A 148 -9.43 -4.50 23.32
N GLY A 149 -9.00 -5.74 23.16
CA GLY A 149 -7.81 -6.22 23.84
C GLY A 149 -6.77 -6.79 22.90
N GLU A 150 -5.75 -7.42 23.49
CA GLU A 150 -4.63 -7.97 22.74
C GLU A 150 -5.08 -9.02 21.72
N ASN A 151 -5.99 -9.89 22.12
CA ASN A 151 -6.48 -10.96 21.25
C ASN A 151 -7.17 -10.44 20.00
N HIS A 152 -7.93 -9.36 20.14
CA HIS A 152 -8.62 -8.77 19.00
C HIS A 152 -7.60 -8.16 18.03
N ALA A 153 -6.54 -7.57 18.60
CA ALA A 153 -5.51 -6.93 17.80
C ALA A 153 -4.73 -7.96 16.98
N ILE A 154 -4.52 -9.13 17.56
CA ILE A 154 -3.81 -10.21 16.89
C ILE A 154 -4.64 -10.76 15.73
N MET A 155 -5.94 -10.93 15.96
CA MET A 155 -6.86 -11.36 14.91
C MET A 155 -6.86 -10.39 13.75
N GLY A 156 -6.88 -9.09 14.06
CA GLY A 156 -6.85 -8.05 13.05
C GLY A 156 -5.62 -8.15 12.16
N VAL A 157 -4.47 -8.36 12.78
CA VAL A 157 -3.22 -8.49 12.02
C VAL A 157 -3.23 -9.76 11.17
N ALA A 158 -3.66 -10.88 11.78
CA ALA A 158 -3.75 -12.14 11.07
C ALA A 158 -4.69 -12.04 9.87
N PHE A 159 -5.75 -11.25 10.03
CA PHE A 159 -6.73 -11.06 8.96
C PHE A 159 -6.09 -10.40 7.74
N THR A 160 -5.21 -9.43 7.97
CA THR A 160 -4.55 -8.76 6.87
C THR A 160 -3.62 -9.71 6.11
N TRP A 161 -2.95 -10.58 6.84
N TRP A 161 -2.96 -10.60 6.83
CA TRP A 161 -2.06 -11.58 6.26
CA TRP A 161 -2.05 -11.55 6.18
C TRP A 161 -2.83 -12.51 5.34
C TRP A 161 -2.80 -12.58 5.35
N VAL A 162 -3.97 -13.01 5.82
CA VAL A 162 -4.81 -13.93 5.07
C VAL A 162 -5.39 -13.28 3.82
N MET A 163 -5.88 -12.05 3.96
CA MET A 163 -6.43 -11.32 2.81
C MET A 163 -5.35 -11.01 1.77
N ALA A 164 -4.15 -10.67 2.26
CA ALA A 164 -3.04 -10.37 1.37
C ALA A 164 -2.60 -11.60 0.58
N LEU A 165 -2.59 -12.75 1.25
CA LEU A 165 -2.25 -14.01 0.60
C LEU A 165 -3.34 -14.40 -0.40
N ALA A 166 -4.57 -13.98 -0.13
CA ALA A 166 -5.70 -14.27 -1.01
C ALA A 166 -5.56 -13.51 -2.32
N CYS A 167 -4.65 -12.55 -2.35
CA CYS A 167 -4.40 -11.75 -3.54
C CYS A 167 -3.07 -12.10 -4.19
N ALA A 168 -2.05 -12.29 -3.36
CA ALA A 168 -0.68 -12.47 -3.83
C ALA A 168 -0.35 -13.90 -4.26
N ALA A 169 -0.98 -14.88 -3.61
CA ALA A 169 -0.69 -16.29 -3.87
C ALA A 169 -1.32 -16.88 -5.15
N PRO A 170 -2.60 -16.55 -5.45
CA PRO A 170 -3.19 -17.15 -6.66
C PRO A 170 -2.41 -16.95 -7.98
N PRO A 171 -1.78 -15.78 -8.20
CA PRO A 171 -1.00 -15.71 -9.45
C PRO A 171 0.19 -16.68 -9.52
N LEU A 172 0.58 -17.26 -8.39
CA LEU A 172 1.66 -18.24 -8.38
C LEU A 172 1.17 -19.62 -8.78
N VAL A 173 -0.14 -19.84 -8.72
CA VAL A 173 -0.69 -21.17 -8.94
C VAL A 173 -1.72 -21.25 -10.07
N GLY A 174 -1.76 -20.24 -10.93
CA GLY A 174 -2.57 -20.33 -12.14
C GLY A 174 -3.72 -19.36 -12.30
N TRP A 175 -4.06 -18.61 -11.25
CA TRP A 175 -5.10 -17.59 -11.38
C TRP A 175 -4.43 -16.24 -11.58
N SER A 176 -4.51 -15.73 -12.81
CA SER A 176 -3.68 -14.62 -13.29
C SER A 176 -2.21 -15.04 -13.26
N ARG A 177 -1.31 -14.06 -13.27
CA ARG A 177 0.13 -14.35 -13.31
C ARG A 177 0.96 -13.12 -13.03
N TYR A 178 2.21 -13.34 -12.64
CA TYR A 178 3.18 -12.26 -12.49
C TYR A 178 4.02 -12.16 -13.76
N ILE A 179 4.11 -10.95 -14.31
CA ILE A 179 4.96 -10.68 -15.48
C ILE A 179 5.58 -9.31 -15.29
N PRO A 180 6.68 -9.03 -16.00
CA PRO A 180 7.23 -7.66 -15.91
C PRO A 180 6.21 -6.62 -16.37
N GLU A 181 6.21 -5.45 -15.75
CA GLU A 181 5.25 -4.40 -16.08
C GLU A 181 5.96 -3.15 -16.56
N GLY A 182 5.25 -2.32 -17.33
CA GLY A 182 5.78 -1.06 -17.80
C GLY A 182 7.12 -1.16 -18.51
N MET A 183 8.15 -0.64 -17.86
CA MET A 183 9.50 -0.62 -18.42
C MET A 183 10.20 -1.96 -18.23
N GLN A 184 9.46 -2.94 -17.72
CA GLN A 184 9.87 -4.34 -17.69
C GLN A 184 10.98 -4.62 -16.67
N CYS A 185 11.09 -3.77 -15.66
CA CYS A 185 12.12 -3.92 -14.64
C CYS A 185 11.56 -4.37 -13.30
N SER A 186 10.24 -4.25 -13.15
CA SER A 186 9.58 -4.78 -11.96
C SER A 186 8.42 -5.66 -12.40
N CYS A 187 8.06 -6.61 -11.54
CA CYS A 187 7.01 -7.58 -11.86
C CYS A 187 5.76 -7.34 -11.03
N GLY A 188 4.60 -7.64 -11.60
CA GLY A 188 3.35 -7.47 -10.89
C GLY A 188 2.24 -8.28 -11.51
N ILE A 189 1.03 -8.15 -10.96
CA ILE A 189 -0.13 -8.85 -11.46
C ILE A 189 -0.44 -8.43 -12.90
N ASP A 190 -0.72 -9.41 -13.75
CA ASP A 190 -1.12 -9.13 -15.13
C ASP A 190 -2.60 -8.77 -15.16
N TYR A 191 -2.90 -7.48 -15.21
CA TYR A 191 -4.27 -7.01 -15.19
C TYR A 191 -4.61 -6.33 -16.50
N TYR A 192 -3.81 -6.59 -17.53
CA TYR A 192 -3.94 -5.83 -18.77
C TYR A 192 -3.81 -6.66 -20.05
N THR A 193 -3.37 -7.91 -19.95
CA THR A 193 -3.39 -8.79 -21.12
C THR A 193 -4.47 -9.86 -20.95
N PRO A 194 -5.22 -10.12 -22.03
CA PRO A 194 -6.26 -11.16 -22.03
C PRO A 194 -5.66 -12.56 -22.11
N HIS A 195 -5.21 -13.07 -20.97
CA HIS A 195 -4.58 -14.38 -20.91
C HIS A 195 -5.58 -15.39 -20.32
N GLU A 196 -6.39 -15.97 -21.19
CA GLU A 196 -7.48 -16.87 -20.77
C GLU A 196 -6.94 -18.14 -20.11
N GLU A 197 -5.68 -18.47 -20.39
CA GLU A 197 -5.08 -19.68 -19.87
C GLU A 197 -4.90 -19.62 -18.35
N THR A 198 -4.80 -18.40 -17.81
CA THR A 198 -4.75 -18.20 -16.37
C THR A 198 -5.98 -17.45 -15.87
N ASN A 199 -6.97 -17.30 -16.76
CA ASN A 199 -8.22 -16.61 -16.42
C ASN A 199 -8.01 -15.24 -15.79
N ASN A 200 -7.31 -14.37 -16.50
CA ASN A 200 -6.96 -13.05 -15.98
C ASN A 200 -8.19 -12.18 -15.70
N GLU A 201 -9.16 -12.24 -16.61
CA GLU A 201 -10.35 -11.39 -16.53
C GLU A 201 -11.08 -11.53 -15.19
N SER A 202 -11.33 -12.77 -14.78
CA SER A 202 -12.05 -13.04 -13.55
C SER A 202 -11.25 -12.61 -12.33
N PHE A 203 -9.92 -12.72 -12.39
CA PHE A 203 -9.07 -12.33 -11.27
C PHE A 203 -9.06 -10.82 -11.08
N VAL A 204 -9.05 -10.08 -12.19
CA VAL A 204 -9.08 -8.62 -12.15
C VAL A 204 -10.39 -8.14 -11.54
N ILE A 205 -11.48 -8.81 -11.88
CA ILE A 205 -12.79 -8.49 -11.30
C ILE A 205 -12.78 -8.79 -9.80
N TYR A 206 -12.25 -9.96 -9.45
CA TYR A 206 -12.10 -10.36 -8.06
C TYR A 206 -11.27 -9.34 -7.28
N MET A 207 -10.16 -8.89 -7.88
CA MET A 207 -9.33 -7.86 -7.28
C MET A 207 -10.09 -6.57 -7.04
N PHE A 208 -10.74 -6.10 -8.09
CA PHE A 208 -11.47 -4.83 -8.08
C PHE A 208 -12.54 -4.83 -6.99
N VAL A 209 -13.30 -5.91 -6.89
CA VAL A 209 -14.41 -5.98 -5.96
C VAL A 209 -13.94 -6.21 -4.52
N VAL A 210 -13.18 -7.29 -4.33
CA VAL A 210 -12.77 -7.71 -3.00
C VAL A 210 -11.65 -6.86 -2.40
N HIS A 211 -10.69 -6.47 -3.23
CA HIS A 211 -9.51 -5.80 -2.71
C HIS A 211 -9.44 -4.33 -3.07
N PHE A 212 -10.57 -3.78 -3.54
CA PHE A 212 -10.63 -2.34 -3.75
C PHE A 212 -11.97 -1.75 -3.31
N ILE A 213 -13.07 -2.27 -3.87
CA ILE A 213 -14.39 -1.75 -3.56
C ILE A 213 -14.75 -1.99 -2.10
N ILE A 214 -14.64 -3.24 -1.66
CA ILE A 214 -14.91 -3.60 -0.27
C ILE A 214 -14.04 -2.81 0.73
N PRO A 215 -12.70 -2.75 0.52
CA PRO A 215 -11.93 -1.91 1.43
C PRO A 215 -12.38 -0.45 1.44
N LEU A 216 -12.77 0.06 0.27
CA LEU A 216 -13.20 1.45 0.14
C LEU A 216 -14.50 1.69 0.89
N ILE A 217 -15.43 0.76 0.76
CA ILE A 217 -16.73 0.87 1.42
C ILE A 217 -16.57 0.84 2.94
N VAL A 218 -15.74 -0.07 3.42
CA VAL A 218 -15.49 -0.24 4.84
C VAL A 218 -14.81 0.98 5.47
N ILE A 219 -13.76 1.47 4.82
CA ILE A 219 -13.05 2.63 5.33
C ILE A 219 -13.95 3.87 5.36
N PHE A 220 -14.77 4.03 4.32
CA PHE A 220 -15.70 5.15 4.26
C PHE A 220 -16.78 5.06 5.33
N PHE A 221 -17.34 3.86 5.50
CA PHE A 221 -18.37 3.65 6.51
C PHE A 221 -17.84 3.91 7.91
N CYS A 222 -16.71 3.26 8.23
CA CYS A 222 -16.14 3.33 9.56
C CYS A 222 -15.71 4.74 9.93
N TYR A 223 -15.02 5.43 9.03
CA TYR A 223 -14.55 6.76 9.34
C TYR A 223 -15.67 7.78 9.22
N GLY A 224 -16.72 7.43 8.48
CA GLY A 224 -17.91 8.26 8.40
C GLY A 224 -18.64 8.24 9.73
N GLN A 225 -18.82 7.03 10.27
CA GLN A 225 -19.42 6.85 11.58
C GLN A 225 -18.62 7.56 12.66
N LEU A 226 -17.30 7.46 12.57
CA LEU A 226 -16.40 8.07 13.54
C LEU A 226 -16.54 9.59 13.55
N VAL A 227 -16.56 10.19 12.36
CA VAL A 227 -16.74 11.64 12.25
C VAL A 227 -18.10 12.05 12.82
N PHE A 228 -19.13 11.26 12.52
CA PHE A 228 -20.47 11.53 13.03
C PHE A 228 -20.51 11.46 14.56
N THR A 229 -19.87 10.42 15.12
CA THR A 229 -19.82 10.23 16.56
C THR A 229 -19.14 11.42 17.26
N VAL A 230 -18.01 11.86 16.70
CA VAL A 230 -17.24 12.94 17.31
C VAL A 230 -17.92 14.28 17.09
N LYS A 231 -18.57 14.44 15.94
CA LYS A 231 -19.35 15.64 15.65
C LYS A 231 -20.50 15.75 16.65
N GLU A 232 -21.11 14.60 16.94
CA GLU A 232 -22.26 14.55 17.82
C GLU A 232 -21.87 14.82 19.27
N ALA A 233 -20.74 14.25 19.68
CA ALA A 233 -20.25 14.44 21.05
C ALA A 233 -19.90 15.90 21.30
N ALA A 234 -19.29 16.54 20.31
CA ALA A 234 -18.89 17.94 20.43
C ALA A 234 -20.13 18.83 20.49
N ALA A 235 -21.16 18.46 19.72
CA ALA A 235 -22.39 19.23 19.68
C ALA A 235 -23.10 19.18 21.04
N GLN A 236 -23.02 18.04 21.70
CA GLN A 236 -23.66 17.84 23.00
C GLN A 236 -22.78 18.32 24.15
N GLN A 237 -21.63 18.91 23.82
CA GLN A 237 -20.69 19.35 24.84
C GLN A 237 -19.89 20.56 24.38
N GLN A 238 -20.59 21.61 23.95
CA GLN A 238 -19.95 22.80 23.40
C GLN A 238 -19.23 23.65 24.45
N GLU A 239 -19.49 23.39 25.73
CA GLU A 239 -18.79 24.10 26.79
C GLU A 239 -17.34 23.62 26.92
N SER A 240 -17.04 22.48 26.29
CA SER A 240 -15.68 21.93 26.32
C SER A 240 -14.88 22.32 25.08
N ALA A 241 -13.90 23.20 25.25
CA ALA A 241 -13.08 23.68 24.14
C ALA A 241 -12.26 22.53 23.53
N THR A 242 -11.79 21.63 24.39
CA THR A 242 -10.97 20.50 23.98
C THR A 242 -11.74 19.56 23.06
N THR A 243 -13.00 19.34 23.39
CA THR A 243 -13.86 18.47 22.58
C THR A 243 -14.10 19.10 21.20
N GLN A 244 -14.15 20.43 21.15
CA GLN A 244 -14.29 21.12 19.86
C GLN A 244 -13.01 20.97 19.03
N LYS A 245 -11.85 21.09 19.69
CA LYS A 245 -10.57 20.92 19.00
C LYS A 245 -10.46 19.50 18.46
N ALA A 246 -10.84 18.52 19.29
CA ALA A 246 -10.80 17.12 18.90
C ALA A 246 -11.60 16.86 17.63
N GLU A 247 -12.80 17.41 17.58
CA GLU A 247 -13.68 17.24 16.44
C GLU A 247 -13.05 17.80 15.16
N LYS A 248 -12.46 18.99 15.26
CA LYS A 248 -11.76 19.59 14.15
C LYS A 248 -10.60 18.72 13.67
N GLU A 249 -9.76 18.29 14.61
CA GLU A 249 -8.57 17.52 14.29
C GLU A 249 -8.92 16.14 13.71
N VAL A 250 -9.94 15.49 14.28
CA VAL A 250 -10.34 14.18 13.81
C VAL A 250 -10.91 14.26 12.39
N THR A 251 -11.73 15.28 12.13
CA THR A 251 -12.28 15.48 10.81
C THR A 251 -11.16 15.69 9.79
N ARG A 252 -10.14 16.46 10.18
CA ARG A 252 -9.02 16.74 9.31
C ARG A 252 -8.25 15.47 8.97
N MET A 253 -7.95 14.66 9.99
N MET A 253 -7.95 14.66 9.99
CA MET A 253 -7.22 13.41 9.79
CA MET A 253 -7.21 13.42 9.79
C MET A 253 -7.99 12.41 8.95
C MET A 253 -7.98 12.42 8.94
N VAL A 254 -9.30 12.36 9.12
CA VAL A 254 -10.13 11.43 8.37
C VAL A 254 -10.13 11.81 6.88
N ILE A 255 -10.12 13.11 6.61
CA ILE A 255 -10.06 13.60 5.24
C ILE A 255 -8.71 13.26 4.63
N ILE A 256 -7.64 13.45 5.40
CA ILE A 256 -6.29 13.15 4.94
C ILE A 256 -6.15 11.65 4.63
N MET A 257 -6.71 10.81 5.50
CA MET A 257 -6.60 9.38 5.32
C MET A 257 -7.39 8.88 4.10
N VAL A 258 -8.60 9.41 3.95
CA VAL A 258 -9.47 9.01 2.84
C VAL A 258 -8.84 9.42 1.51
N ILE A 259 -8.36 10.66 1.44
CA ILE A 259 -7.72 11.16 0.23
C ILE A 259 -6.44 10.39 -0.11
N ALA A 260 -5.64 10.08 0.91
CA ALA A 260 -4.41 9.32 0.71
C ALA A 260 -4.70 7.93 0.19
N PHE A 261 -5.77 7.32 0.70
CA PHE A 261 -6.17 6.00 0.24
C PHE A 261 -6.52 6.02 -1.25
N LEU A 262 -7.32 7.01 -1.65
CA LEU A 262 -7.75 7.13 -3.03
C LEU A 262 -6.56 7.39 -3.94
N ILE A 263 -5.66 8.26 -3.50
CA ILE A 263 -4.46 8.57 -4.28
C ILE A 263 -3.64 7.30 -4.53
N CYS A 264 -3.65 6.40 -3.56
CA CYS A 264 -2.85 5.18 -3.65
C CYS A 264 -3.43 4.14 -4.60
N TRP A 265 -4.75 3.98 -4.60
CA TRP A 265 -5.36 2.84 -5.27
C TRP A 265 -6.27 3.18 -6.45
N LEU A 266 -6.77 4.41 -6.50
CA LEU A 266 -7.65 4.81 -7.59
C LEU A 266 -6.98 4.77 -8.97
N PRO A 267 -5.68 5.16 -9.06
CA PRO A 267 -5.02 5.00 -10.36
C PRO A 267 -5.01 3.55 -10.87
N TYR A 268 -4.59 2.62 -10.03
CA TYR A 268 -4.59 1.20 -10.41
C TYR A 268 -6.00 0.73 -10.75
N ALA A 269 -6.96 1.09 -9.91
CA ALA A 269 -8.35 0.71 -10.13
C ALA A 269 -8.86 1.35 -11.42
N GLY A 270 -8.47 2.60 -11.65
CA GLY A 270 -8.91 3.33 -12.83
C GLY A 270 -8.35 2.74 -14.11
N VAL A 271 -7.04 2.52 -14.13
CA VAL A 271 -6.37 1.96 -15.30
C VAL A 271 -6.91 0.55 -15.60
N ALA A 272 -6.99 -0.29 -14.58
CA ALA A 272 -7.50 -1.65 -14.75
C ALA A 272 -8.92 -1.63 -15.31
N PHE A 273 -9.76 -0.75 -14.76
CA PHE A 273 -11.13 -0.62 -15.21
C PHE A 273 -11.19 -0.16 -16.66
N TYR A 274 -10.28 0.74 -17.03
CA TYR A 274 -10.24 1.26 -18.40
C TYR A 274 -9.86 0.15 -19.39
N ILE A 275 -8.77 -0.55 -19.08
CA ILE A 275 -8.30 -1.64 -19.92
C ILE A 275 -9.36 -2.73 -20.03
N PHE A 276 -10.03 -3.01 -18.90
CA PHE A 276 -11.11 -3.99 -18.88
C PHE A 276 -12.24 -3.56 -19.81
N THR A 277 -12.65 -2.30 -19.67
CA THR A 277 -13.73 -1.75 -20.48
C THR A 277 -13.29 -1.56 -21.93
N HIS A 278 -12.05 -1.09 -22.11
CA HIS A 278 -11.52 -0.83 -23.44
C HIS A 278 -10.41 -1.81 -23.81
N GLN A 279 -10.77 -3.08 -23.97
CA GLN A 279 -9.80 -4.08 -24.40
C GLN A 279 -9.60 -4.00 -25.91
N GLY A 280 -8.33 -4.08 -26.32
CA GLY A 280 -7.97 -3.83 -27.71
C GLY A 280 -7.51 -2.39 -27.85
N SER A 281 -6.50 -2.03 -27.08
CA SER A 281 -6.00 -0.65 -27.07
C SER A 281 -4.52 -0.58 -26.70
N ASP A 282 -3.85 0.45 -27.20
CA ASP A 282 -2.42 0.62 -26.99
C ASP A 282 -2.11 1.31 -25.66
N PHE A 283 -1.24 0.70 -24.88
CA PHE A 283 -0.82 1.27 -23.59
C PHE A 283 0.70 1.30 -23.48
N GLY A 284 1.27 2.50 -23.45
CA GLY A 284 2.72 2.66 -23.36
C GLY A 284 3.31 2.13 -22.07
N PRO A 285 4.63 1.85 -22.08
CA PRO A 285 5.34 1.37 -20.91
C PRO A 285 5.40 2.41 -19.79
N ILE A 286 5.52 3.68 -20.17
CA ILE A 286 5.55 4.78 -19.22
C ILE A 286 4.17 4.99 -18.61
N PHE A 287 3.13 4.72 -19.41
CA PHE A 287 1.75 4.87 -18.96
C PHE A 287 1.39 3.88 -17.86
N MET A 288 1.91 2.66 -17.97
CA MET A 288 1.62 1.60 -17.01
C MET A 288 2.32 1.84 -15.67
N THR A 289 3.35 2.66 -15.71
CA THR A 289 4.15 2.95 -14.52
C THR A 289 3.48 3.98 -13.61
N ILE A 290 2.59 4.79 -14.19
CA ILE A 290 1.91 5.83 -13.41
C ILE A 290 1.12 5.30 -12.22
N PRO A 291 0.27 4.26 -12.41
CA PRO A 291 -0.42 3.77 -11.21
C PRO A 291 0.53 3.13 -10.22
N ALA A 292 1.64 2.57 -10.70
CA ALA A 292 2.65 1.98 -9.84
C ALA A 292 3.35 3.06 -9.02
N PHE A 293 3.60 4.20 -9.64
CA PHE A 293 4.19 5.36 -8.98
C PHE A 293 3.41 5.77 -7.73
N PHE A 294 2.10 5.92 -7.87
CA PHE A 294 1.25 6.33 -6.76
C PHE A 294 1.16 5.25 -5.69
N ALA A 295 1.01 4.00 -6.11
CA ALA A 295 0.86 2.91 -5.15
C ALA A 295 2.12 2.64 -4.33
N LYS A 296 3.29 2.68 -4.98
CA LYS A 296 4.56 2.37 -4.32
CA LYS A 296 4.55 2.37 -4.31
C LYS A 296 5.00 3.47 -3.35
N THR A 297 4.74 4.72 -3.72
CA THR A 297 5.12 5.86 -2.90
C THR A 297 4.35 5.89 -1.57
N SER A 298 3.32 5.06 -1.47
CA SER A 298 2.57 4.93 -0.22
C SER A 298 3.43 4.35 0.88
N ALA A 299 4.53 3.70 0.51
CA ALA A 299 5.48 3.19 1.49
C ALA A 299 6.16 4.32 2.25
N VAL A 300 6.08 5.54 1.71
CA VAL A 300 6.62 6.71 2.38
C VAL A 300 5.50 7.57 3.02
N TYR A 301 4.43 7.88 2.30
CA TYR A 301 3.46 8.85 2.87
C TYR A 301 2.44 8.21 3.83
N ASN A 302 2.22 6.90 3.74
CA ASN A 302 1.41 6.24 4.76
C ASN A 302 2.06 6.28 6.17
N PRO A 303 3.35 5.92 6.30
CA PRO A 303 3.90 6.07 7.66
C PRO A 303 4.00 7.52 8.13
N VAL A 304 4.15 8.46 7.20
CA VAL A 304 4.09 9.87 7.56
C VAL A 304 2.73 10.21 8.19
N ILE A 305 1.66 9.74 7.55
CA ILE A 305 0.30 10.03 8.00
C ILE A 305 -0.11 9.23 9.24
N TYR A 306 0.24 7.95 9.25
CA TYR A 306 -0.24 7.05 10.30
C TYR A 306 0.71 6.88 11.49
N ILE A 307 1.97 7.26 11.33
CA ILE A 307 2.95 7.14 12.40
C ILE A 307 3.48 8.49 12.82
N MET A 308 4.02 9.26 11.88
CA MET A 308 4.62 10.55 12.21
C MET A 308 3.60 11.57 12.69
N MET A 309 2.38 11.52 12.14
CA MET A 309 1.34 12.46 12.54
C MET A 309 0.56 11.92 13.73
N ASN A 310 1.00 10.76 14.22
CA ASN A 310 0.51 10.18 15.45
C ASN A 310 1.36 10.70 16.61
N LYS A 311 0.73 11.40 17.54
CA LYS A 311 1.46 12.12 18.58
C LYS A 311 2.33 11.22 19.46
N GLN A 312 1.82 10.04 19.78
CA GLN A 312 2.57 9.09 20.61
C GLN A 312 3.85 8.61 19.91
N PHE A 313 3.73 8.23 18.64
CA PHE A 313 4.88 7.77 17.88
C PHE A 313 5.86 8.91 17.61
N ARG A 314 5.31 10.06 17.26
CA ARG A 314 6.14 11.23 16.92
C ARG A 314 7.02 11.62 18.11
N ASN A 315 6.43 11.69 19.29
CA ASN A 315 7.20 12.04 20.49
C ASN A 315 8.31 11.06 20.79
N CYS A 316 8.01 9.77 20.65
CA CYS A 316 8.99 8.72 20.89
C CYS A 316 10.10 8.74 19.85
N MET A 317 9.75 9.04 18.60
N MET A 317 9.77 9.06 18.61
CA MET A 317 10.75 9.15 17.54
CA MET A 317 10.77 9.13 17.54
C MET A 317 11.70 10.33 17.76
C MET A 317 11.69 10.34 17.74
N VAL A 318 11.14 11.46 18.17
CA VAL A 318 11.91 12.66 18.44
C VAL A 318 12.86 12.42 19.61
N THR A 319 12.37 11.75 20.64
CA THR A 319 13.19 11.40 21.79
C THR A 319 14.36 10.53 21.38
N THR A 320 14.07 9.54 20.54
CA THR A 320 15.09 8.59 20.09
C THR A 320 16.12 9.26 19.19
N LEU A 321 15.65 10.10 18.28
CA LEU A 321 16.54 10.73 17.31
C LEU A 321 17.34 11.88 17.92
N CYS A 322 16.87 12.41 19.04
CA CYS A 322 17.54 13.54 19.65
C CYS A 322 18.21 13.15 20.97
N CYS A 323 18.50 11.86 21.10
CA CYS A 323 19.29 11.33 22.21
C CYS A 323 18.72 11.66 23.59
N GLY A 324 17.45 11.33 23.82
CA GLY A 324 16.83 11.54 25.12
C GLY A 324 16.12 12.88 25.28
N LYS A 325 16.47 13.83 24.42
CA LYS A 325 15.83 15.16 24.43
C LYS A 325 14.35 15.07 24.05
N ASN A 326 13.51 15.73 24.84
CA ASN A 326 12.07 15.73 24.60
C ASN A 326 11.69 16.42 23.29
N VAL B 1 -15.42 10.85 25.00
CA VAL B 1 -14.97 10.33 23.71
C VAL B 1 -13.48 10.60 23.53
N LEU B 2 -12.96 11.53 24.32
CA LEU B 2 -11.59 11.98 24.17
C LEU B 2 -10.56 10.89 24.48
N GLU B 3 -10.83 10.11 25.52
N GLU B 3 -10.82 10.10 25.51
CA GLU B 3 -9.93 9.04 25.94
CA GLU B 3 -9.85 9.06 25.90
C GLU B 3 -9.79 7.98 24.86
C GLU B 3 -9.78 7.94 24.87
N ASP B 4 -10.90 7.67 24.21
CA ASP B 4 -10.91 6.67 23.14
C ASP B 4 -10.13 7.18 21.93
N LEU B 5 -10.31 8.46 21.62
CA LEU B 5 -9.57 9.10 20.53
C LEU B 5 -8.07 9.10 20.80
N LYS B 6 -7.70 9.42 22.03
CA LYS B 6 -6.29 9.42 22.41
C LYS B 6 -5.72 8.01 22.31
N SER B 7 -6.52 7.03 22.72
CA SER B 7 -6.12 5.63 22.67
C SER B 7 -5.85 5.17 21.23
N CYS B 8 -6.48 5.83 20.27
CA CYS B 8 -6.38 5.48 18.85
C CYS B 8 -5.33 6.32 18.11
N GLY B 9 -4.71 7.25 18.82
CA GLY B 9 -3.73 8.13 18.22
C GLY B 9 -4.33 9.16 17.29
N LEU B 10 -5.62 9.46 17.51
CA LEU B 10 -6.36 10.42 16.70
C LEU B 10 -6.38 11.82 17.29
N PHE B 11 -6.03 11.93 18.57
CA PHE B 11 -6.04 13.22 19.25
C PHE B 11 -5.12 13.19 20.47
C1 NAG C . 11.31 -9.86 -32.49
C2 NAG C . 11.43 -11.11 -31.61
C3 NAG C . 12.79 -11.78 -31.79
C4 NAG C . 13.15 -11.98 -33.25
C5 NAG C . 12.96 -10.67 -34.03
C6 NAG C . 13.15 -10.82 -35.52
C7 NAG C . 10.41 -11.49 -29.40
C8 NAG C . 10.32 -11.00 -27.99
N2 NAG C . 11.20 -10.79 -30.21
O3 NAG C . 12.79 -13.03 -31.12
O4 NAG C . 14.52 -12.34 -33.33
O5 NAG C . 11.63 -10.19 -33.84
O6 NAG C . 12.07 -11.53 -36.11
O7 NAG C . 9.79 -12.48 -29.78
C1 NAG C . 14.84 -13.49 -34.15
C2 NAG C . 16.28 -13.25 -34.55
C3 NAG C . 16.83 -14.42 -35.37
C4 NAG C . 16.64 -15.73 -34.63
C5 NAG C . 15.16 -15.88 -34.26
C6 NAG C . 14.88 -17.10 -33.41
C7 NAG C . 16.84 -10.86 -34.75
C8 NAG C . 16.90 -9.68 -35.66
N2 NAG C . 16.41 -12.00 -35.29
O3 NAG C . 18.20 -14.12 -35.60
O4 NAG C . 17.02 -16.89 -35.39
O5 NAG C . 14.72 -14.75 -33.49
O6 NAG C . 13.53 -17.13 -33.02
O7 NAG C . 17.16 -10.79 -33.55
C1 BMA C . 18.45 -17.01 -35.65
C2 BMA C . 19.05 -18.49 -35.69
C3 BMA C . 20.04 -18.57 -36.90
C4 BMA C . 20.97 -17.35 -37.01
C5 BMA C . 20.14 -16.05 -37.07
C6 BMA C . 20.30 -15.31 -38.39
O2 BMA C . 18.08 -19.57 -35.86
O3 BMA C . 19.35 -18.80 -38.12
O4 BMA C . 21.86 -17.31 -35.90
O5 BMA C . 18.75 -16.38 -36.90
O6 BMA C . 21.27 -14.28 -38.22
C1 BMA C . 18.56 -20.84 -35.31
C2 BMA C . 17.53 -21.96 -35.66
C3 BMA C . 18.04 -23.32 -35.19
C4 BMA C . 19.46 -23.60 -35.72
C5 BMA C . 20.39 -22.47 -35.25
C6 BMA C . 21.83 -22.64 -35.75
O2 BMA C . 17.35 -22.06 -37.06
O3 BMA C . 17.18 -24.38 -35.59
O4 BMA C . 19.93 -24.85 -35.23
O5 BMA C . 19.88 -21.23 -35.77
O6 BMA C . 22.27 -23.98 -35.49
C1 NAG D . -2.35 0.09 -31.54
C2 NAG D . -3.85 0.10 -31.79
C3 NAG D . -4.16 0.99 -32.99
C4 NAG D . -3.54 2.38 -32.81
C5 NAG D . -2.06 2.26 -32.47
C6 NAG D . -1.42 3.59 -32.13
C7 NAG D . -4.59 -2.13 -31.04
C8 NAG D . -5.09 -3.47 -31.47
N2 NAG D . -4.35 -1.25 -32.03
O3 NAG D . -5.56 1.08 -33.29
O4 NAG D . -3.67 3.11 -34.02
O5 NAG D . -1.90 1.42 -31.31
O6 NAG D . -0.07 3.64 -32.55
O7 NAG D . -4.40 -1.85 -29.86
C1 NAG D . -6.45 1.65 -32.31
C2 NAG D . -7.09 2.96 -32.80
C3 NAG D . -8.16 3.43 -31.82
C4 NAG D . -9.18 2.34 -31.58
C5 NAG D . -8.48 1.08 -31.09
C6 NAG D . -9.43 -0.11 -30.96
C7 NAG D . -6.20 4.93 -33.95
C8 NAG D . -5.08 5.94 -34.01
N2 NAG D . -6.09 4.00 -33.01
O3 NAG D . -8.80 4.59 -32.34
O4 NAG D . -10.14 2.76 -30.61
O5 NAG D . -7.47 0.68 -32.03
O6 NAG D . -10.78 0.30 -31.08
O7 NAG D . -7.15 4.98 -34.72
C1 BNG E . -0.18 -3.78 -7.42
C2 BNG E . -0.37 -4.43 -6.05
C3 BNG E . 0.25 -3.59 -4.95
C4 BNG E . 1.72 -3.31 -5.29
C5 BNG E . 1.83 -2.67 -6.67
C6 BNG E . 3.29 -2.47 -7.05
C1' BNG E . -1.69 -4.00 -9.24
C2' BNG E . -2.50 -5.08 -9.95
C3' BNG E . -3.96 -5.06 -9.56
C4' BNG E . -4.75 -4.10 -10.44
C5' BNG E . -6.18 -4.58 -10.64
C6' BNG E . -7.06 -4.31 -9.43
C7' BNG E . -7.51 -2.85 -9.42
C8' BNG E . -8.05 -2.47 -8.05
C9' BNG E . -6.99 -2.66 -6.98
O1 BNG E . -0.71 -4.63 -8.42
O2 BNG E . -1.77 -4.62 -5.80
O3 BNG E . 0.17 -4.27 -3.71
O4 BNG E . 2.28 -2.45 -4.30
O5 BNG E . 1.19 -3.46 -7.67
O6 BNG E . 3.92 -3.74 -7.27
C1 BNG F . 3.53 -7.06 24.04
C2 BNG F . 3.31 -8.40 24.72
C3 BNG F . 2.55 -8.19 26.03
C4 BNG F . 3.30 -7.20 26.90
C5 BNG F . 3.58 -5.90 26.13
C6 BNG F . 4.42 -4.93 26.96
C1' BNG F . 4.27 -6.00 22.06
C2' BNG F . 4.75 -6.24 20.63
C3' BNG F . 3.60 -6.69 19.73
C4' BNG F . 4.02 -6.58 18.26
C5' BNG F . 2.92 -7.01 17.31
C6' BNG F . 3.21 -6.51 15.90
C7' BNG F . 2.62 -7.40 14.82
C8' BNG F . 3.02 -6.89 13.44
C9' BNG F . 3.36 -8.03 12.52
O1 BNG F . 4.23 -7.23 22.79
O2 BNG F . 2.59 -9.29 23.87
O3 BNG F . 2.41 -9.45 26.71
O4 BNG F . 2.50 -6.89 28.06
O5 BNG F . 4.26 -6.17 24.90
O6 BNG F . 5.79 -5.36 26.97
C1 PLM G . 17.00 16.04 17.54
O2 PLM G . 18.12 16.35 18.00
C2 PLM G . 16.69 16.36 16.10
C3 PLM G . 17.33 15.30 15.23
C4 PLM G . 16.99 15.53 13.75
C5 PLM G . 17.05 14.22 12.99
C6 PLM G . 16.60 14.42 11.54
C1 PLM H . 21.57 13.33 19.58
O2 PLM H . 21.19 14.42 20.06
C2 PLM H . 21.67 13.20 18.07
C3 PLM H . 21.35 14.54 17.40
C4 PLM H . 21.26 14.32 15.89
C5 PLM H . 21.25 15.62 15.08
C6 PLM H . 21.42 15.31 13.60
C7 PLM H . 21.13 16.54 12.74
C8 PLM H . 21.45 16.32 11.26
C9 PLM H . 20.50 15.34 10.58
CA PLM H . 20.33 15.68 9.09
CB PLM H . 20.32 14.44 8.21
CC PLM H . 20.27 14.81 6.73
CD PLM H . 20.76 13.66 5.86
CE PLM H . 20.61 13.99 4.37
CF PLM H . 21.07 12.83 3.50
CG PLM H . 20.79 13.09 2.04
#